data_8DEH
#
_entry.id   8DEH
#
_cell.length_a   43.284
_cell.length_b   61.130
_cell.length_c   47.571
_cell.angle_alpha   90.000
_cell.angle_beta   106.260
_cell.angle_gamma   90.000
#
_symmetry.space_group_name_H-M   'P 1 21 1'
#
loop_
_entity.id
_entity.type
_entity.pdbx_description
1 polymer 'Caseinolytic peptidase B protein homolog'
2 water water
#
_entity_poly.entity_id   1
_entity_poly.type   'polypeptide(L)'
_entity_poly.pdbx_seq_one_letter_code
;AAASNKDAALLEAARANNMQEVSRLLSEGADVNAKHRLGWTALMVAAINRNNSVVQVLLAAGADPNLGDDFSSVYKTAKE
QGIHSLEDGGQDGASRHITNQWTSALEFRRWLGLPAGVLITREDDFNNRLNNRASFKGCTALHYAVLADDYRTVKELLDG
GANPLQRNEMGHTPLDYAREGEVMKLLRTSEAKYQEKQRKREAEERRRFPLEQRLKEHIIGQE
;
_entity_poly.pdbx_strand_id   A
#
# COMPACT_ATOMS: atom_id res chain seq x y z
N ALA A 1 2.94 30.34 1.67
CA ALA A 1 2.54 29.41 0.61
C ALA A 1 3.70 28.49 0.20
N ALA A 2 4.92 28.86 0.59
CA ALA A 2 6.10 28.12 0.16
C ALA A 2 5.96 26.64 0.46
N ALA A 3 5.42 26.31 1.64
CA ALA A 3 5.33 24.93 2.09
C ALA A 3 4.28 24.16 1.31
N SER A 4 3.10 24.76 1.14
CA SER A 4 2.06 24.18 0.31
C SER A 4 2.56 23.97 -1.12
N ASN A 5 3.35 24.92 -1.64
CA ASN A 5 3.86 24.80 -3.01
C ASN A 5 4.88 23.68 -3.12
N LYS A 6 5.71 23.47 -2.10
CA LYS A 6 6.64 22.36 -2.19
C LYS A 6 5.89 21.04 -2.18
N ASP A 7 4.83 20.92 -1.37
CA ASP A 7 4.04 19.70 -1.37
C ASP A 7 3.46 19.41 -2.75
N ALA A 8 2.84 20.42 -3.36
CA ALA A 8 2.22 20.19 -4.66
C ALA A 8 3.27 19.86 -5.72
N ALA A 9 4.43 20.52 -5.65
CA ALA A 9 5.48 20.21 -6.61
C ALA A 9 6.03 18.81 -6.40
N LEU A 10 6.10 18.34 -5.14
CA LEU A 10 6.55 16.97 -4.89
C LEU A 10 5.62 15.95 -5.53
N LEU A 11 4.30 16.17 -5.41
CA LEU A 11 3.35 15.25 -6.02
C LEU A 11 3.47 15.25 -7.55
N GLU A 12 3.64 16.43 -8.15
CA GLU A 12 3.81 16.50 -9.61
C GLU A 12 5.08 15.79 -10.05
N ALA A 13 6.18 15.99 -9.32
CA ALA A 13 7.44 15.34 -9.67
C ALA A 13 7.33 13.82 -9.58
N ALA A 14 6.68 13.31 -8.53
CA ALA A 14 6.50 11.87 -8.42
C ALA A 14 5.62 11.33 -9.55
N ARG A 15 4.53 12.01 -9.85
CA ARG A 15 3.68 11.55 -10.95
C ARG A 15 4.44 11.54 -12.28
N ALA A 16 5.33 12.51 -12.47
CA ALA A 16 6.14 12.61 -13.67
C ALA A 16 7.37 11.70 -13.67
N ASN A 17 7.61 10.88 -12.63
CA ASN A 17 8.80 10.03 -12.56
C ASN A 17 10.09 10.83 -12.55
N ASN A 18 10.08 12.04 -12.01
CA ASN A 18 11.30 12.85 -11.97
C ASN A 18 11.98 12.63 -10.62
N MET A 19 12.90 11.67 -10.59
CA MET A 19 13.55 11.30 -9.35
C MET A 19 14.37 12.44 -8.78
N GLN A 20 15.01 13.22 -9.65
CA GLN A 20 15.86 14.31 -9.18
C GLN A 20 15.04 15.38 -8.47
N GLU A 21 13.84 15.70 -9.02
CA GLU A 21 13.00 16.71 -8.39
C GLU A 21 12.38 16.20 -7.10
N VAL A 22 11.97 14.94 -7.08
CA VAL A 22 11.50 14.36 -5.82
C VAL A 22 12.55 14.52 -4.72
N SER A 23 13.80 14.15 -5.02
N SER A 23 13.80 14.16 -5.03
CA SER A 23 14.86 14.23 -4.00
CA SER A 23 14.86 14.23 -4.03
C SER A 23 15.09 15.68 -3.56
C SER A 23 15.10 15.67 -3.57
N ARG A 24 15.18 16.60 -4.51
CA ARG A 24 15.34 18.01 -4.16
C ARG A 24 14.23 18.48 -3.23
N LEU A 25 12.96 18.21 -3.62
CA LEU A 25 11.84 18.74 -2.87
C LEU A 25 11.78 18.15 -1.47
N LEU A 26 12.07 16.85 -1.33
CA LEU A 26 12.13 16.25 0.00
C LEU A 26 13.21 16.91 0.86
N SER A 27 14.36 17.21 0.27
CA SER A 27 15.41 17.85 1.08
C SER A 27 15.04 19.27 1.48
N GLU A 28 14.13 19.92 0.75
CA GLU A 28 13.66 21.27 1.10
C GLU A 28 12.43 21.28 2.00
N GLY A 29 12.01 20.12 2.51
CA GLY A 29 10.95 20.09 3.49
C GLY A 29 9.56 19.87 2.93
N ALA A 30 9.44 19.45 1.67
CA ALA A 30 8.12 19.04 1.19
C ALA A 30 7.58 17.93 2.10
N ASP A 31 6.26 17.90 2.27
CA ASP A 31 5.62 16.93 3.15
C ASP A 31 5.59 15.60 2.40
N VAL A 32 6.40 14.64 2.84
CA VAL A 32 6.48 13.36 2.13
C VAL A 32 5.13 12.64 2.09
N ASN A 33 4.21 12.98 2.99
CA ASN A 33 2.90 12.32 3.04
C ASN A 33 1.80 13.16 2.41
N ALA A 34 2.13 14.23 1.70
CA ALA A 34 1.12 15.06 1.04
C ALA A 34 0.24 14.23 0.10
N LYS A 35 -1.02 14.64 -0.04
CA LYS A 35 -1.94 14.00 -0.98
C LYS A 35 -2.41 14.97 -2.05
N HIS A 36 -2.46 14.48 -3.27
CA HIS A 36 -2.95 15.22 -4.43
C HIS A 36 -4.47 15.31 -4.40
N ARG A 37 -5.04 16.24 -5.18
CA ARG A 37 -6.50 16.26 -5.25
C ARG A 37 -7.04 14.97 -5.85
N LEU A 38 -6.26 14.29 -6.72
CA LEU A 38 -6.70 12.99 -7.22
C LEU A 38 -6.69 11.90 -6.15
N GLY A 39 -6.22 12.20 -4.94
CA GLY A 39 -6.35 11.31 -3.81
C GLY A 39 -5.05 10.65 -3.35
N TRP A 40 -4.04 10.56 -4.22
CA TRP A 40 -2.88 9.74 -3.93
C TRP A 40 -1.71 10.55 -3.34
N THR A 41 -0.86 9.83 -2.61
CA THR A 41 0.43 10.34 -2.17
C THR A 41 1.49 10.12 -3.24
N ALA A 42 2.66 10.72 -3.04
CA ALA A 42 3.79 10.44 -3.92
C ALA A 42 4.12 8.95 -3.93
N LEU A 43 4.11 8.30 -2.77
CA LEU A 43 4.42 6.88 -2.72
C LEU A 43 3.44 6.06 -3.56
N MET A 44 2.15 6.38 -3.48
CA MET A 44 1.18 5.63 -4.28
C MET A 44 1.39 5.86 -5.76
N VAL A 45 1.62 7.10 -6.17
CA VAL A 45 1.74 7.32 -7.62
C VAL A 45 3.04 6.73 -8.13
N ALA A 46 4.10 6.68 -7.30
CA ALA A 46 5.31 5.99 -7.71
C ALA A 46 5.03 4.51 -7.91
N ALA A 47 4.19 3.92 -7.06
CA ALA A 47 3.85 2.52 -7.23
C ALA A 47 3.05 2.29 -8.50
N ILE A 48 2.07 3.16 -8.76
CA ILE A 48 1.29 3.05 -10.01
C ILE A 48 2.22 3.16 -11.22
N ASN A 49 3.24 4.02 -11.12
CA ASN A 49 4.27 4.18 -12.15
C ASN A 49 5.26 3.02 -12.19
N ARG A 50 5.16 2.05 -11.27
CA ARG A 50 6.14 0.96 -11.13
C ARG A 50 7.56 1.48 -10.95
N ASN A 51 7.72 2.63 -10.28
CA ASN A 51 9.05 3.24 -10.09
C ASN A 51 9.61 2.86 -8.71
N ASN A 52 10.29 1.72 -8.63
CA ASN A 52 10.82 1.29 -7.34
C ASN A 52 11.97 2.20 -6.86
N SER A 53 12.62 2.94 -7.76
CA SER A 53 13.63 3.89 -7.33
C SER A 53 13.02 5.07 -6.55
N VAL A 54 11.93 5.64 -7.07
CA VAL A 54 11.30 6.77 -6.36
C VAL A 54 10.67 6.28 -5.06
N VAL A 55 10.11 5.07 -5.09
CA VAL A 55 9.57 4.49 -3.86
C VAL A 55 10.65 4.42 -2.79
N GLN A 56 11.82 3.93 -3.16
CA GLN A 56 12.90 3.82 -2.18
C GLN A 56 13.28 5.18 -1.61
N VAL A 57 13.36 6.20 -2.47
CA VAL A 57 13.71 7.53 -1.99
C VAL A 57 12.67 8.05 -0.99
N LEU A 58 11.38 7.87 -1.32
CA LEU A 58 10.32 8.36 -0.46
C LEU A 58 10.35 7.67 0.90
N LEU A 59 10.54 6.35 0.91
CA LEU A 59 10.60 5.62 2.17
C LEU A 59 11.79 6.09 3.01
N ALA A 60 12.95 6.24 2.38
CA ALA A 60 14.13 6.75 3.09
C ALA A 60 13.90 8.15 3.66
N ALA A 61 12.99 8.92 3.08
CA ALA A 61 12.64 10.24 3.59
C ALA A 61 11.56 10.20 4.67
N GLY A 62 11.09 9.01 5.02
CA GLY A 62 10.11 8.90 6.08
C GLY A 62 8.68 8.73 5.63
N ALA A 63 8.43 8.48 4.34
CA ALA A 63 7.06 8.25 3.89
C ALA A 63 6.40 7.16 4.71
N ASP A 64 5.17 7.42 5.14
CA ASP A 64 4.37 6.43 5.84
C ASP A 64 3.82 5.44 4.82
N PRO A 65 4.32 4.20 4.79
CA PRO A 65 3.88 3.25 3.76
C PRO A 65 2.41 2.89 3.86
N ASN A 66 1.74 3.17 4.99
CA ASN A 66 0.40 2.63 5.18
C ASN A 66 -0.73 3.64 5.05
N LEU A 67 -0.44 4.85 4.59
CA LEU A 67 -1.51 5.78 4.23
C LEU A 67 -2.42 5.21 3.13
N GLY A 68 -3.70 5.59 3.18
CA GLY A 68 -4.69 5.13 2.22
C GLY A 68 -5.10 6.24 1.27
N ASP A 69 -5.40 5.84 0.03
CA ASP A 69 -5.86 6.76 -1.01
C ASP A 69 -7.15 7.46 -0.56
N ASP A 70 -7.20 8.79 -0.73
CA ASP A 70 -8.38 9.58 -0.41
C ASP A 70 -9.43 9.59 -1.51
N PHE A 71 -9.11 9.11 -2.71
CA PHE A 71 -10.02 9.24 -3.83
C PHE A 71 -11.32 8.48 -3.55
N SER A 72 -12.45 9.18 -3.52
CA SER A 72 -13.65 8.55 -2.95
C SER A 72 -14.77 8.35 -3.96
N SER A 73 -14.56 8.61 -5.25
CA SER A 73 -15.59 8.29 -6.22
C SER A 73 -15.81 6.78 -6.29
N VAL A 74 -17.07 6.39 -6.44
CA VAL A 74 -17.46 4.99 -6.55
C VAL A 74 -18.02 4.77 -7.95
N TYR A 75 -17.73 3.61 -8.54
CA TYR A 75 -18.13 3.29 -9.90
C TYR A 75 -18.98 2.04 -9.93
N LYS A 76 -19.91 1.99 -10.89
CA LYS A 76 -20.70 0.80 -11.21
C LYS A 76 -19.99 0.09 -12.36
N THR A 77 -19.60 -1.16 -12.15
CA THR A 77 -18.81 -1.89 -13.14
C THR A 77 -19.66 -2.63 -14.17
N ALA A 78 -20.98 -2.68 -14.00
CA ALA A 78 -21.85 -3.44 -14.88
C ALA A 78 -23.22 -2.77 -14.92
N LYS A 79 -24.10 -3.31 -15.76
CA LYS A 79 -25.45 -2.78 -15.92
C LYS A 79 -26.42 -3.40 -14.92
N ASN A 100 -25.38 -0.95 -3.77
CA ASN A 100 -25.12 -2.37 -3.93
C ASN A 100 -23.99 -2.84 -3.03
N GLN A 101 -23.10 -3.68 -3.57
CA GLN A 101 -22.03 -4.29 -2.80
C GLN A 101 -20.71 -4.14 -3.54
N TRP A 102 -19.61 -4.24 -2.79
CA TRP A 102 -18.29 -4.05 -3.38
C TRP A 102 -17.96 -5.22 -4.30
N THR A 103 -17.44 -4.92 -5.47
CA THR A 103 -17.02 -6.00 -6.36
C THR A 103 -15.94 -6.86 -5.68
N SER A 104 -15.81 -8.10 -6.16
CA SER A 104 -14.78 -8.98 -5.65
C SER A 104 -13.40 -8.52 -6.12
N ALA A 105 -12.37 -9.00 -5.44
CA ALA A 105 -11.01 -8.65 -5.84
C ALA A 105 -10.71 -9.11 -7.27
N LEU A 106 -11.22 -10.27 -7.66
CA LEU A 106 -10.96 -10.77 -9.02
C LEU A 106 -11.67 -9.90 -10.06
N GLU A 107 -12.89 -9.47 -9.76
CA GLU A 107 -13.58 -8.60 -10.71
C GLU A 107 -13.01 -7.20 -10.69
N PHE A 108 -12.47 -6.77 -9.55
CA PHE A 108 -11.78 -5.48 -9.52
C PHE A 108 -10.55 -5.50 -10.44
N ARG A 109 -9.77 -6.57 -10.37
CA ARG A 109 -8.66 -6.72 -11.32
C ARG A 109 -9.14 -6.65 -12.76
N ARG A 110 -10.24 -7.35 -13.08
CA ARG A 110 -10.76 -7.34 -14.46
C ARG A 110 -11.17 -5.93 -14.85
N TRP A 111 -11.83 -5.20 -13.93
CA TRP A 111 -12.30 -3.85 -14.21
C TRP A 111 -11.14 -2.90 -14.49
N LEU A 112 -10.00 -3.11 -13.83
CA LEU A 112 -8.80 -2.32 -14.07
C LEU A 112 -8.13 -2.68 -15.38
N GLY A 113 -8.66 -3.70 -16.08
CA GLY A 113 -8.05 -4.16 -17.32
C GLY A 113 -6.89 -5.11 -17.13
N LEU A 114 -6.72 -5.65 -15.94
CA LEU A 114 -5.58 -6.50 -15.67
C LEU A 114 -5.92 -7.96 -15.94
N PRO A 115 -4.90 -8.80 -16.16
CA PRO A 115 -5.17 -10.23 -16.38
C PRO A 115 -5.88 -10.86 -15.19
N ALA A 116 -6.88 -11.68 -15.51
CA ALA A 116 -7.71 -12.38 -14.53
C ALA A 116 -8.32 -11.41 -13.52
N ARG A 129 -25.15 -9.43 -11.63
CA ARG A 129 -24.46 -8.14 -11.49
C ARG A 129 -24.83 -7.49 -10.17
N LEU A 130 -24.57 -8.22 -9.08
CA LEU A 130 -24.99 -7.79 -7.74
C LEU A 130 -23.91 -6.94 -7.07
N ASN A 131 -22.71 -7.50 -6.93
CA ASN A 131 -21.57 -6.80 -6.33
C ASN A 131 -20.81 -6.13 -7.48
N ASN A 132 -21.23 -4.92 -7.81
CA ASN A 132 -20.68 -4.24 -8.98
C ASN A 132 -20.18 -2.84 -8.67
N ARG A 133 -19.93 -2.52 -7.39
CA ARG A 133 -19.41 -1.20 -7.02
C ARG A 133 -17.90 -1.31 -6.78
N ALA A 134 -17.17 -0.32 -7.27
CA ALA A 134 -15.71 -0.30 -7.10
C ALA A 134 -15.28 1.04 -6.56
N SER A 135 -14.23 1.02 -5.72
CA SER A 135 -13.71 2.22 -5.09
C SER A 135 -12.20 2.05 -4.92
N PHE A 136 -11.44 3.14 -5.09
CA PHE A 136 -10.01 3.15 -4.75
C PHE A 136 -9.72 3.63 -3.34
N LYS A 137 -10.73 4.08 -2.61
CA LYS A 137 -10.50 4.71 -1.32
C LYS A 137 -9.82 3.71 -0.40
N GLY A 138 -8.73 4.14 0.23
CA GLY A 138 -8.04 3.28 1.15
C GLY A 138 -6.96 2.42 0.54
N CYS A 139 -6.84 2.39 -0.79
CA CYS A 139 -5.73 1.66 -1.40
C CYS A 139 -4.42 2.24 -0.89
N THR A 140 -3.52 1.36 -0.49
CA THR A 140 -2.18 1.79 -0.11
C THR A 140 -1.26 1.67 -1.32
N ALA A 141 -0.03 2.19 -1.18
CA ALA A 141 0.96 1.97 -2.22
C ALA A 141 1.17 0.49 -2.49
N LEU A 142 1.08 -0.33 -1.43
CA LEU A 142 1.22 -1.78 -1.60
C LEU A 142 0.09 -2.37 -2.42
N HIS A 143 -1.17 -1.93 -2.20
CA HIS A 143 -2.26 -2.40 -3.07
C HIS A 143 -1.90 -2.13 -4.53
N TYR A 144 -1.49 -0.90 -4.84
CA TYR A 144 -1.16 -0.56 -6.22
C TYR A 144 0.04 -1.36 -6.73
N ALA A 145 1.08 -1.54 -5.91
CA ALA A 145 2.24 -2.28 -6.39
C ALA A 145 1.87 -3.72 -6.69
N VAL A 146 0.97 -4.30 -5.88
CA VAL A 146 0.58 -5.68 -6.15
C VAL A 146 -0.29 -5.76 -7.40
N LEU A 147 -1.24 -4.83 -7.55
CA LEU A 147 -2.03 -4.78 -8.78
C LEU A 147 -1.14 -4.71 -10.00
N ALA A 148 -0.08 -3.88 -9.94
CA ALA A 148 0.89 -3.80 -11.02
C ALA A 148 1.82 -5.03 -11.11
N ASP A 149 1.71 -6.00 -10.21
CA ASP A 149 2.58 -7.18 -10.20
C ASP A 149 4.06 -6.81 -10.24
N ASP A 150 4.42 -5.79 -9.47
CA ASP A 150 5.77 -5.21 -9.46
C ASP A 150 6.53 -5.76 -8.24
N TYR A 151 7.26 -6.86 -8.42
CA TYR A 151 7.94 -7.49 -7.28
C TYR A 151 8.90 -6.52 -6.58
N ARG A 152 9.70 -5.78 -7.35
CA ARG A 152 10.70 -4.91 -6.72
C ARG A 152 10.06 -3.87 -5.82
N THR A 153 8.98 -3.26 -6.28
CA THR A 153 8.33 -2.24 -5.47
C THR A 153 7.61 -2.86 -4.29
N VAL A 154 6.96 -4.01 -4.51
CA VAL A 154 6.31 -4.72 -3.40
C VAL A 154 7.33 -5.02 -2.31
N LYS A 155 8.51 -5.54 -2.70
CA LYS A 155 9.51 -5.89 -1.69
C LYS A 155 9.99 -4.66 -0.94
N GLU A 156 10.19 -3.55 -1.66
N GLU A 156 10.17 -3.54 -1.64
CA GLU A 156 10.61 -2.30 -1.04
CA GLU A 156 10.63 -2.34 -0.96
C GLU A 156 9.60 -1.87 0.03
C GLU A 156 9.60 -1.83 0.05
N LEU A 157 8.31 -1.89 -0.32
CA LEU A 157 7.27 -1.43 0.59
C LEU A 157 7.20 -2.31 1.83
N LEU A 158 7.25 -3.64 1.65
CA LEU A 158 7.25 -4.56 2.78
C LEU A 158 8.46 -4.33 3.66
N ASP A 159 9.64 -4.20 3.04
CA ASP A 159 10.86 -3.97 3.82
C ASP A 159 10.80 -2.64 4.55
N GLY A 160 10.04 -1.69 4.03
CA GLY A 160 9.88 -0.39 4.64
C GLY A 160 8.71 -0.29 5.59
N GLY A 161 8.12 -1.42 5.95
CA GLY A 161 7.10 -1.45 6.97
C GLY A 161 5.67 -1.45 6.50
N ALA A 162 5.43 -1.63 5.20
CA ALA A 162 4.05 -1.71 4.74
C ALA A 162 3.37 -2.92 5.36
N ASN A 163 2.12 -2.73 5.76
CA ASN A 163 1.35 -3.77 6.40
C ASN A 163 0.59 -4.53 5.34
N PRO A 164 0.96 -5.79 5.05
CA PRO A 164 0.24 -6.56 4.02
C PRO A 164 -1.17 -6.96 4.44
N LEU A 165 -1.56 -6.81 5.70
CA LEU A 165 -2.90 -7.16 6.12
C LEU A 165 -3.86 -5.98 6.07
N GLN A 166 -3.39 -4.76 5.83
CA GLN A 166 -4.26 -3.61 5.86
C GLN A 166 -5.20 -3.60 4.65
N ARG A 167 -6.49 -3.46 4.90
CA ARG A 167 -7.51 -3.50 3.84
C ARG A 167 -7.87 -2.10 3.36
N ASN A 168 -8.32 -2.02 2.10
CA ASN A 168 -8.87 -0.78 1.56
C ASN A 168 -10.35 -0.71 1.88
N GLU A 169 -11.05 0.33 1.36
CA GLU A 169 -12.46 0.52 1.67
C GLU A 169 -13.31 -0.67 1.22
N MET A 170 -12.96 -1.30 0.08
CA MET A 170 -13.72 -2.46 -0.38
C MET A 170 -13.48 -3.69 0.47
N GLY A 171 -12.51 -3.65 1.38
CA GLY A 171 -12.22 -4.77 2.26
C GLY A 171 -11.17 -5.72 1.73
N HIS A 172 -10.40 -5.32 0.72
CA HIS A 172 -9.40 -6.18 0.09
C HIS A 172 -8.01 -5.89 0.65
N THR A 173 -7.24 -6.95 0.89
CA THR A 173 -5.82 -6.83 1.22
C THR A 173 -5.02 -6.82 -0.07
N PRO A 174 -3.74 -6.42 -0.01
CA PRO A 174 -2.92 -6.56 -1.22
C PRO A 174 -2.81 -8.01 -1.70
N LEU A 175 -2.78 -9.00 -0.80
CA LEU A 175 -2.71 -10.38 -1.27
C LEU A 175 -3.93 -10.76 -2.09
N ASP A 176 -5.09 -10.16 -1.80
CA ASP A 176 -6.29 -10.39 -2.62
C ASP A 176 -6.10 -10.00 -4.08
N TYR A 177 -5.16 -9.10 -4.39
CA TYR A 177 -4.94 -8.62 -5.74
C TYR A 177 -3.79 -9.31 -6.46
N ALA A 178 -3.09 -10.24 -5.82
CA ALA A 178 -1.88 -10.80 -6.39
C ALA A 178 -2.18 -11.83 -7.48
N ARG A 179 -1.45 -11.75 -8.58
CA ARG A 179 -1.34 -12.87 -9.50
C ARG A 179 -0.47 -13.98 -8.89
N GLU A 180 -0.76 -15.21 -9.26
CA GLU A 180 0.16 -16.29 -8.89
C GLU A 180 1.54 -15.97 -9.43
N GLY A 181 2.56 -16.22 -8.63
CA GLY A 181 3.90 -15.92 -9.02
C GLY A 181 4.69 -15.40 -7.84
N GLU A 182 5.78 -14.70 -8.14
CA GLU A 182 6.71 -14.30 -7.10
C GLU A 182 6.12 -13.26 -6.15
N VAL A 183 5.25 -12.38 -6.63
CA VAL A 183 4.63 -11.39 -5.74
C VAL A 183 3.72 -12.09 -4.73
N MET A 184 2.93 -13.06 -5.21
CA MET A 184 2.09 -13.83 -4.31
C MET A 184 2.91 -14.55 -3.26
N LYS A 185 3.97 -15.25 -3.68
CA LYS A 185 4.81 -15.95 -2.71
C LYS A 185 5.39 -14.99 -1.68
N LEU A 186 5.88 -13.84 -2.14
CA LEU A 186 6.44 -12.84 -1.24
C LEU A 186 5.40 -12.36 -0.22
N LEU A 187 4.17 -12.06 -0.67
CA LEU A 187 3.13 -11.60 0.23
C LEU A 187 2.74 -12.66 1.26
N ARG A 188 2.67 -13.94 0.86
CA ARG A 188 2.31 -14.96 1.82
C ARG A 188 3.33 -15.00 2.96
N THR A 189 4.61 -15.03 2.59
CA THR A 189 5.69 -14.97 3.58
C THR A 189 5.56 -13.74 4.45
N SER A 190 5.31 -12.59 3.84
N SER A 190 5.32 -12.58 3.84
CA SER A 190 5.32 -11.34 4.59
CA SER A 190 5.33 -11.33 4.60
C SER A 190 4.14 -11.23 5.54
C SER A 190 4.15 -11.25 5.56
N GLU A 191 2.98 -11.77 5.16
CA GLU A 191 1.84 -11.78 6.06
C GLU A 191 2.16 -12.56 7.34
N ALA A 192 2.76 -13.73 7.18
CA ALA A 192 3.12 -14.54 8.35
C ALA A 192 4.12 -13.81 9.24
N LYS A 193 5.10 -13.13 8.64
CA LYS A 193 6.09 -12.43 9.46
C LYS A 193 5.51 -11.18 10.10
N TYR A 194 4.64 -10.46 9.38
CA TYR A 194 4.00 -9.31 9.99
C TYR A 194 3.13 -9.71 11.18
N GLN A 195 2.36 -10.79 11.04
CA GLN A 195 1.54 -11.23 12.16
C GLN A 195 2.40 -11.71 13.31
N GLU A 196 3.51 -12.40 13.01
CA GLU A 196 4.44 -12.78 14.06
C GLU A 196 4.98 -11.56 14.80
N LYS A 197 5.41 -10.54 14.04
CA LYS A 197 5.95 -9.33 14.67
C LYS A 197 4.88 -8.64 15.53
N GLN A 198 3.66 -8.55 15.03
CA GLN A 198 2.58 -7.95 15.81
C GLN A 198 2.32 -8.75 17.09
N ARG A 199 2.31 -10.08 17.01
CA ARG A 199 2.04 -10.89 18.19
C ARG A 199 3.15 -10.74 19.22
N LYS A 200 4.39 -10.58 18.77
CA LYS A 200 5.48 -10.36 19.71
C LYS A 200 5.38 -8.98 20.36
N ARG A 201 4.91 -7.98 19.60
CA ARG A 201 4.79 -6.63 20.16
C ARG A 201 3.71 -6.58 21.24
N GLU A 202 2.62 -7.28 21.03
CA GLU A 202 1.52 -7.29 21.99
C GLU A 202 1.73 -8.29 23.12
N ALA A 203 2.86 -9.01 23.15
CA ALA A 203 3.04 -10.10 24.10
C ALA A 203 2.81 -9.65 25.54
N GLU A 204 2.08 -10.48 26.29
CA GLU A 204 1.86 -10.22 27.71
C GLU A 204 3.03 -10.74 28.53
N GLU A 205 3.45 -9.97 29.53
CA GLU A 205 4.49 -10.46 30.43
C GLU A 205 3.94 -11.58 31.29
N ARG A 206 4.68 -12.67 31.39
CA ARG A 206 4.31 -13.78 32.25
C ARG A 206 5.58 -14.47 32.73
N ARG A 207 5.78 -14.57 34.05
CA ARG A 207 7.07 -15.10 34.54
C ARG A 207 7.16 -16.62 34.46
N ARG A 208 6.03 -17.32 34.49
CA ARG A 208 6.01 -18.78 34.48
C ARG A 208 4.75 -19.20 33.74
N PHE A 209 4.84 -20.31 33.01
CA PHE A 209 3.68 -20.86 32.30
C PHE A 209 3.82 -22.37 32.38
N PRO A 210 3.40 -22.97 33.48
CA PRO A 210 3.53 -24.43 33.60
C PRO A 210 2.68 -25.13 32.55
N LEU A 211 3.16 -26.27 32.06
CA LEU A 211 2.47 -26.96 30.96
C LEU A 211 1.02 -27.23 31.31
N GLU A 212 0.72 -27.47 32.59
CA GLU A 212 -0.64 -27.73 33.02
C GLU A 212 -1.55 -26.58 32.64
N GLN A 213 -1.01 -25.38 32.57
CA GLN A 213 -1.83 -24.21 32.24
C GLN A 213 -2.36 -24.29 30.81
N ARG A 214 -1.74 -25.09 29.93
CA ARG A 214 -2.29 -25.23 28.58
C ARG A 214 -3.69 -25.84 28.57
N LEU A 215 -4.10 -26.47 29.67
CA LEU A 215 -5.39 -27.14 29.74
C LEU A 215 -6.51 -26.24 30.24
N LYS A 216 -6.19 -25.02 30.61
CA LYS A 216 -7.10 -24.13 31.32
C LYS A 216 -7.24 -22.83 30.55
N GLU A 217 -8.45 -22.27 30.54
CA GLU A 217 -8.64 -20.95 29.93
C GLU A 217 -8.23 -19.88 30.94
#